data_3G2M
#
_entry.id   3G2M
#
_cell.length_a   127.443
_cell.length_b   71.682
_cell.length_c   75.189
_cell.angle_alpha   90.000
_cell.angle_beta   103.020
_cell.angle_gamma   90.000
#
_symmetry.space_group_name_H-M   'C 1 2 1'
#
loop_
_entity.id
_entity.type
_entity.pdbx_description
1 polymer PCZA361.24
2 water water
#
_entity_poly.entity_id   1
_entity_poly.type   'polypeptide(L)'
_entity_poly.pdbx_seq_one_letter_code
;(MSE)GSSHHHHHHSGGLVPRGS(MSE)SNQLERGPVRTPHADVLLASVGERGVLCDFYDEGAADTYRDLIQDADGTSEA
REFATRTGPVSGPVLELAAG(MSE)GRLTFPFLDLGWEVTALELSTSVLAAFRKRLAEAPADVRDRCTLVQGD(MSE)SA
FALDKRFGTVVISSGSINELDEADRRGLYASVREHLEPGGKFLLSLA(MSE)SEAAESEPLERKQELPGRSGRRYVLHVR
HLPAEEIQEITIHPADETTDPFVVCTHRRRLLAPDQVVRELVRSGFDVIAQTPFASGGAGRKD(MSE)VLVEAV(MSE)P
GATADAR
;
_entity_poly.pdbx_strand_id   A,B
#
# COMPACT_ATOMS: atom_id res chain seq x y z
N PRO A 28 16.37 13.46 -2.90
CA PRO A 28 15.71 12.15 -2.91
C PRO A 28 15.57 11.53 -1.51
N VAL A 29 15.31 10.22 -1.45
CA VAL A 29 15.12 9.51 -0.19
C VAL A 29 16.43 9.38 0.60
N ARG A 30 16.35 9.76 1.87
CA ARG A 30 17.51 9.94 2.73
C ARG A 30 17.62 8.77 3.73
N THR A 31 17.97 7.59 3.23
CA THR A 31 17.96 6.36 4.02
C THR A 31 18.97 6.38 5.17
N PRO A 32 18.65 5.71 6.30
CA PRO A 32 19.55 5.63 7.46
C PRO A 32 20.99 5.27 7.09
N HIS A 33 21.17 4.27 6.22
CA HIS A 33 22.51 3.86 5.81
C HIS A 33 23.19 4.91 4.92
N ALA A 34 22.42 5.55 4.03
CA ALA A 34 22.93 6.62 3.18
C ALA A 34 23.44 7.80 4.00
N ASP A 35 22.68 8.20 5.01
CA ASP A 35 23.06 9.29 5.91
C ASP A 35 24.42 9.04 6.57
N VAL A 36 24.61 7.84 7.10
CA VAL A 36 25.87 7.43 7.73
C VAL A 36 27.03 7.42 6.72
N LEU A 37 26.77 6.91 5.51
CA LEU A 37 27.74 6.91 4.42
C LEU A 37 28.20 8.31 4.03
N LEU A 38 27.25 9.17 3.69
CA LEU A 38 27.54 10.55 3.27
C LEU A 38 28.26 11.34 4.36
N ALA A 39 28.02 10.98 5.62
CA ALA A 39 28.68 11.61 6.75
C ALA A 39 30.15 11.21 6.85
N SER A 40 30.43 9.92 6.58
CA SER A 40 31.79 9.39 6.70
C SER A 40 32.64 9.57 5.43
N VAL A 41 32.00 10.06 4.36
CA VAL A 41 32.65 10.18 3.06
C VAL A 41 32.82 11.63 2.61
N VAL A 46 27.61 12.34 -2.77
CA VAL A 46 26.41 12.83 -3.43
C VAL A 46 25.23 11.86 -3.28
N LEU A 47 24.07 12.42 -2.92
CA LEU A 47 22.84 11.65 -2.81
C LEU A 47 21.98 11.79 -4.07
N CYS A 48 21.62 10.66 -4.65
CA CYS A 48 20.77 10.60 -5.85
C CYS A 48 19.69 9.54 -5.71
N ASP A 49 18.60 9.69 -6.45
CA ASP A 49 17.65 8.60 -6.62
C ASP A 49 18.20 7.67 -7.71
N PHE A 50 18.05 6.36 -7.50
CA PHE A 50 18.52 5.34 -8.44
C PHE A 50 17.95 5.52 -9.85
N TYR A 51 16.70 5.96 -9.93
CA TYR A 51 16.06 6.27 -11.21
C TYR A 51 16.01 7.77 -11.46
N ALA A 66 18.61 -6.05 -20.00
CA ALA A 66 17.39 -6.86 -20.01
C ALA A 66 17.74 -8.34 -19.80
N ASP A 67 17.33 -8.87 -18.65
CA ASP A 67 17.56 -10.28 -18.34
C ASP A 67 16.52 -10.87 -17.38
N GLY A 68 15.27 -10.84 -17.83
CA GLY A 68 14.18 -11.56 -17.18
C GLY A 68 13.92 -12.83 -17.94
N THR A 69 14.99 -13.53 -18.32
CA THR A 69 14.91 -14.78 -19.07
C THR A 69 14.18 -15.87 -18.29
N SER A 70 14.49 -15.98 -17.00
CA SER A 70 13.84 -16.95 -16.12
C SER A 70 12.37 -16.61 -15.91
N GLU A 71 12.06 -15.32 -15.85
CA GLU A 71 10.69 -14.86 -15.67
C GLU A 71 9.85 -15.18 -16.90
N ALA A 72 10.36 -14.83 -18.08
CA ALA A 72 9.65 -15.11 -19.34
C ALA A 72 9.41 -16.60 -19.52
N ARG A 73 10.40 -17.40 -19.13
CA ARG A 73 10.32 -18.86 -19.12
C ARG A 73 9.16 -19.35 -18.25
N GLU A 74 9.00 -18.76 -17.06
CA GLU A 74 7.91 -19.16 -16.17
C GLU A 74 6.55 -18.83 -16.75
N PHE A 75 6.44 -17.67 -17.40
CA PHE A 75 5.23 -17.28 -18.10
C PHE A 75 4.89 -18.31 -19.17
N ALA A 76 5.88 -18.67 -19.99
CA ALA A 76 5.71 -19.68 -21.04
C ALA A 76 5.29 -21.04 -20.47
N THR A 77 5.95 -21.47 -19.40
CA THR A 77 5.67 -22.74 -18.72
C THR A 77 4.22 -22.82 -18.23
N ARG A 78 3.76 -21.73 -17.62
CA ARG A 78 2.43 -21.71 -16.99
C ARG A 78 1.28 -21.49 -17.97
N THR A 79 1.58 -20.90 -19.14
CA THR A 79 0.57 -20.66 -20.16
C THR A 79 0.09 -21.95 -20.79
N GLY A 80 1.04 -22.80 -21.18
CA GLY A 80 0.74 -24.06 -21.85
C GLY A 80 0.81 -23.90 -23.36
N PRO A 81 -0.37 -23.79 -24.03
CA PRO A 81 -0.62 -23.65 -25.46
C PRO A 81 0.62 -23.29 -26.34
N VAL A 82 0.79 -22.07 -26.87
CA VAL A 82 -0.17 -20.96 -26.87
C VAL A 82 -0.85 -20.89 -28.25
N SER A 83 -2.18 -20.88 -28.25
CA SER A 83 -2.94 -20.75 -29.48
C SER A 83 -3.54 -19.33 -29.57
N GLY A 84 -2.79 -18.42 -30.20
CA GLY A 84 -3.25 -17.05 -30.39
C GLY A 84 -2.35 -15.98 -29.79
N PRO A 85 -2.58 -14.71 -30.19
CA PRO A 85 -1.89 -13.52 -29.69
C PRO A 85 -1.96 -13.34 -28.17
N VAL A 86 -0.88 -12.78 -27.62
CA VAL A 86 -0.77 -12.49 -26.20
C VAL A 86 -0.70 -10.98 -26.00
N LEU A 87 -1.45 -10.46 -25.03
CA LEU A 87 -1.35 -9.06 -24.66
C LEU A 87 -0.39 -8.91 -23.48
N GLU A 88 0.69 -8.17 -23.68
CA GLU A 88 1.62 -7.87 -22.58
C GLU A 88 1.43 -6.41 -22.12
N LEU A 89 1.05 -6.25 -20.86
CA LEU A 89 0.78 -4.94 -20.30
C LEU A 89 2.05 -4.33 -19.73
N ALA A 90 2.23 -3.03 -19.99
CA ALA A 90 3.38 -2.26 -19.53
C ALA A 90 4.69 -2.94 -19.95
N ALA A 91 4.81 -3.16 -21.26
CA ALA A 91 5.90 -3.98 -21.82
C ALA A 91 7.26 -3.27 -21.79
N GLY A 92 7.25 -1.98 -21.50
CA GLY A 92 8.46 -1.20 -21.44
C GLY A 92 9.17 -1.28 -22.77
N GLY A 94 10.63 -4.22 -23.90
CA GLY A 94 10.64 -5.60 -24.35
C GLY A 94 11.58 -6.52 -23.59
N ARG A 95 11.85 -6.19 -22.33
CA ARG A 95 12.62 -7.08 -21.45
C ARG A 95 12.05 -8.50 -21.46
N LEU A 96 10.73 -8.61 -21.49
CA LEU A 96 10.07 -9.91 -21.65
C LEU A 96 9.53 -10.13 -23.06
N THR A 97 9.23 -9.05 -23.77
CA THR A 97 8.60 -9.16 -25.10
C THR A 97 9.47 -9.91 -26.10
N PHE A 98 10.76 -9.61 -26.12
CA PHE A 98 11.68 -10.26 -27.06
C PHE A 98 11.86 -11.76 -26.76
N PRO A 99 12.09 -12.13 -25.48
CA PRO A 99 11.94 -13.54 -25.12
C PRO A 99 10.63 -14.18 -25.55
N PHE A 100 9.50 -13.47 -25.40
CA PHE A 100 8.20 -13.99 -25.83
C PHE A 100 8.13 -14.21 -27.34
N LEU A 101 8.64 -13.26 -28.11
CA LEU A 101 8.68 -13.35 -29.57
C LEU A 101 9.59 -14.50 -30.01
N ASP A 102 10.63 -14.77 -29.21
CA ASP A 102 11.57 -15.87 -29.44
C ASP A 102 10.93 -17.25 -29.24
N LEU A 103 9.78 -17.28 -28.59
CA LEU A 103 9.02 -18.51 -28.41
C LEU A 103 7.97 -18.71 -29.51
N GLY A 104 7.92 -17.77 -30.45
CA GLY A 104 7.01 -17.86 -31.59
C GLY A 104 5.70 -17.10 -31.43
N TRP A 105 5.50 -16.52 -30.24
CA TRP A 105 4.27 -15.79 -29.89
C TRP A 105 4.03 -14.57 -30.78
N GLU A 106 2.76 -14.35 -31.12
CA GLU A 106 2.30 -13.05 -31.57
C GLU A 106 2.02 -12.26 -30.28
N VAL A 107 2.62 -11.08 -30.16
CA VAL A 107 2.46 -10.26 -28.95
C VAL A 107 2.00 -8.85 -29.28
N THR A 108 0.94 -8.42 -28.61
CA THR A 108 0.58 -7.01 -28.57
C THR A 108 1.17 -6.45 -27.28
N ALA A 109 2.12 -5.52 -27.43
CA ALA A 109 2.81 -4.95 -26.28
C ALA A 109 2.28 -3.55 -26.03
N LEU A 110 1.72 -3.34 -24.85
CA LEU A 110 1.12 -2.07 -24.47
C LEU A 110 2.02 -1.28 -23.54
N GLU A 111 2.26 -0.02 -23.85
CA GLU A 111 3.19 0.79 -23.06
C GLU A 111 2.73 2.24 -23.03
N LEU A 112 2.88 2.88 -21.87
CA LEU A 112 2.38 4.23 -21.65
C LEU A 112 3.27 5.32 -22.24
N SER A 113 4.59 5.16 -22.09
CA SER A 113 5.54 6.21 -22.45
C SER A 113 5.89 6.20 -23.93
N THR A 114 5.81 7.38 -24.54
CA THR A 114 6.12 7.55 -25.96
C THR A 114 7.60 7.34 -26.23
N SER A 115 8.44 7.80 -25.30
CA SER A 115 9.89 7.68 -25.44
C SER A 115 10.33 6.23 -25.30
N VAL A 116 9.74 5.52 -24.33
CA VAL A 116 10.02 4.09 -24.18
C VAL A 116 9.57 3.33 -25.43
N LEU A 117 8.39 3.68 -25.95
CA LEU A 117 7.88 3.08 -27.19
C LEU A 117 8.77 3.33 -28.40
N ALA A 118 9.30 4.55 -28.50
CA ALA A 118 10.25 4.91 -29.54
C ALA A 118 11.50 4.03 -29.49
N ALA A 119 12.04 3.86 -28.28
CA ALA A 119 13.20 3.00 -28.04
C ALA A 119 12.89 1.53 -28.30
N PHE A 120 11.65 1.12 -28.02
CA PHE A 120 11.16 -0.22 -28.38
C PHE A 120 11.15 -0.40 -29.91
N ARG A 121 10.62 0.61 -30.63
CA ARG A 121 10.58 0.58 -32.10
CA ARG A 121 10.58 0.56 -32.10
C ARG A 121 11.97 0.46 -32.71
N LYS A 122 12.93 1.16 -32.11
CA LYS A 122 14.33 1.14 -32.53
C LYS A 122 14.91 -0.27 -32.40
N ARG A 123 14.61 -0.93 -31.30
CA ARG A 123 15.01 -2.32 -31.05
C ARG A 123 14.31 -3.28 -32.01
N LEU A 124 13.04 -3.02 -32.28
CA LEU A 124 12.23 -3.85 -33.17
C LEU A 124 12.69 -3.73 -34.64
N ALA A 125 13.26 -2.58 -34.97
CA ALA A 125 13.78 -2.33 -36.32
C ALA A 125 15.11 -3.06 -36.60
N GLU A 126 15.80 -3.44 -35.52
CA GLU A 126 17.07 -4.17 -35.61
C GLU A 126 16.87 -5.68 -35.46
N ALA A 127 15.62 -6.09 -35.27
CA ALA A 127 15.25 -7.50 -35.19
C ALA A 127 14.91 -8.03 -36.60
N PRO A 128 15.05 -9.35 -36.81
CA PRO A 128 14.71 -9.92 -38.12
C PRO A 128 13.21 -9.80 -38.42
N ALA A 129 12.88 -9.73 -39.71
CA ALA A 129 11.50 -9.50 -40.18
C ALA A 129 10.44 -10.39 -39.52
N ASP A 130 10.77 -11.66 -39.31
CA ASP A 130 9.85 -12.61 -38.69
C ASP A 130 9.47 -12.24 -37.25
N VAL A 131 10.44 -11.75 -36.50
CA VAL A 131 10.24 -11.29 -35.12
C VAL A 131 9.40 -10.01 -35.13
N ARG A 132 9.85 -9.02 -35.90
CA ARG A 132 9.18 -7.72 -36.01
C ARG A 132 7.72 -7.83 -36.44
N ASP A 133 7.45 -8.71 -37.41
CA ASP A 133 6.09 -8.90 -37.94
C ASP A 133 5.09 -9.50 -36.93
N ARG A 134 5.61 -10.14 -35.88
CA ARG A 134 4.77 -10.77 -34.85
C ARG A 134 4.51 -9.87 -33.63
N CYS A 135 5.19 -8.73 -33.58
CA CYS A 135 5.05 -7.77 -32.48
C CYS A 135 4.23 -6.56 -32.91
N THR A 136 3.20 -6.24 -32.12
CA THR A 136 2.36 -5.07 -32.35
C THR A 136 2.48 -4.11 -31.16
N LEU A 137 3.01 -2.91 -31.41
CA LEU A 137 3.15 -1.91 -30.35
C LEU A 137 1.95 -0.98 -30.26
N VAL A 138 1.49 -0.74 -29.03
CA VAL A 138 0.33 0.11 -28.78
C VAL A 138 0.55 1.02 -27.58
N GLN A 139 0.26 2.30 -27.74
CA GLN A 139 0.34 3.21 -26.60
CA GLN A 139 0.33 3.24 -26.61
C GLN A 139 -0.92 3.09 -25.74
N GLY A 140 -0.72 2.91 -24.43
CA GLY A 140 -1.86 2.80 -23.53
C GLY A 140 -1.47 2.67 -22.08
N ASP A 141 -2.47 2.83 -21.23
CA ASP A 141 -2.31 2.79 -19.78
C ASP A 141 -2.85 1.47 -19.21
N SER A 143 -3.70 0.64 -16.37
CA SER A 143 -4.77 0.81 -15.38
C SER A 143 -6.12 1.19 -16.01
N ALA A 144 -6.10 1.56 -17.29
CA ALA A 144 -7.32 1.94 -18.01
C ALA A 144 -7.03 1.93 -19.50
N PHE A 145 -7.14 0.76 -20.11
CA PHE A 145 -6.91 0.61 -21.55
C PHE A 145 -8.11 -0.03 -22.22
N ALA A 146 -8.20 0.16 -23.54
CA ALA A 146 -9.30 -0.35 -24.33
C ALA A 146 -8.80 -0.55 -25.75
N LEU A 147 -8.85 -1.79 -26.21
CA LEU A 147 -8.44 -2.15 -27.56
C LEU A 147 -9.59 -2.77 -28.32
N ASP A 148 -9.50 -2.75 -29.64
CA ASP A 148 -10.47 -3.39 -30.51
C ASP A 148 -10.05 -4.86 -30.76
N LYS A 149 -9.68 -5.53 -29.68
CA LYS A 149 -9.19 -6.90 -29.74
C LYS A 149 -9.33 -7.57 -28.37
N ARG A 150 -9.62 -8.87 -28.38
CA ARG A 150 -9.55 -9.68 -27.15
C ARG A 150 -8.46 -10.74 -27.31
N PHE A 151 -8.01 -11.32 -26.21
CA PHE A 151 -6.83 -12.18 -26.22
C PHE A 151 -7.04 -13.43 -25.38
N GLY A 152 -6.40 -14.53 -25.78
CA GLY A 152 -6.46 -15.76 -25.02
C GLY A 152 -5.55 -15.72 -23.80
N THR A 153 -4.56 -14.84 -23.83
CA THR A 153 -3.56 -14.69 -22.77
C THR A 153 -3.23 -13.21 -22.56
N VAL A 154 -3.28 -12.76 -21.31
CA VAL A 154 -2.84 -11.43 -20.93
C VAL A 154 -1.82 -11.56 -19.80
N VAL A 155 -0.68 -10.88 -19.92
CA VAL A 155 0.41 -10.99 -18.93
C VAL A 155 0.85 -9.64 -18.38
N ILE A 156 1.27 -9.63 -17.12
CA ILE A 156 1.84 -8.45 -16.49
C ILE A 156 2.96 -8.84 -15.53
N SER A 157 4.04 -8.06 -15.54
CA SER A 157 5.21 -8.34 -14.72
C SER A 157 5.11 -7.65 -13.36
N SER A 158 5.74 -8.25 -12.35
CA SER A 158 5.74 -7.72 -10.98
C SER A 158 6.03 -6.21 -10.89
N GLY A 159 7.06 -5.75 -11.58
CA GLY A 159 7.48 -4.35 -11.51
C GLY A 159 6.38 -3.38 -11.90
N SER A 160 5.60 -3.79 -12.89
CA SER A 160 4.54 -2.96 -13.46
C SER A 160 3.30 -2.85 -12.58
N ILE A 161 2.76 -3.98 -12.12
CA ILE A 161 1.56 -3.95 -11.26
C ILE A 161 1.87 -3.22 -9.95
N ASN A 162 3.08 -3.40 -9.41
CA ASN A 162 3.48 -2.72 -8.19
C ASN A 162 3.60 -1.19 -8.32
N GLU A 163 3.62 -0.69 -9.55
CA GLU A 163 3.62 0.77 -9.77
C GLU A 163 2.22 1.38 -9.58
N LEU A 164 1.20 0.54 -9.46
CA LEU A 164 -0.19 0.99 -9.38
C LEU A 164 -0.73 0.99 -7.96
N ASP A 165 -1.41 2.07 -7.57
CA ASP A 165 -2.08 2.14 -6.28
C ASP A 165 -3.34 1.26 -6.28
N GLU A 166 -4.05 1.22 -5.16
CA GLU A 166 -5.18 0.31 -5.02
C GLU A 166 -6.25 0.55 -6.09
N ALA A 167 -6.63 1.82 -6.29
CA ALA A 167 -7.68 2.19 -7.24
C ALA A 167 -7.29 1.87 -8.68
N ASP A 168 -6.04 2.12 -9.02
CA ASP A 168 -5.54 1.82 -10.36
C ASP A 168 -5.40 0.32 -10.64
N ARG A 169 -5.06 -0.45 -9.62
CA ARG A 169 -5.09 -1.93 -9.75
C ARG A 169 -6.52 -2.41 -10.05
N ARG A 170 -7.51 -1.82 -9.40
CA ARG A 170 -8.92 -2.10 -9.71
C ARG A 170 -9.22 -1.86 -11.20
N GLY A 171 -8.73 -0.74 -11.74
CA GLY A 171 -8.89 -0.43 -13.17
C GLY A 171 -8.18 -1.44 -14.06
N LEU A 172 -6.99 -1.88 -13.63
CA LEU A 172 -6.26 -2.96 -14.31
C LEU A 172 -7.10 -4.24 -14.38
N TYR A 173 -7.61 -4.69 -13.24
CA TYR A 173 -8.35 -5.95 -13.17
C TYR A 173 -9.58 -5.94 -14.07
N ALA A 174 -10.33 -4.84 -14.04
CA ALA A 174 -11.52 -4.69 -14.89
C ALA A 174 -11.17 -4.61 -16.37
N SER A 175 -10.14 -3.84 -16.71
CA SER A 175 -9.66 -3.73 -18.09
C SER A 175 -9.27 -5.11 -18.64
N VAL A 176 -8.48 -5.86 -17.88
CA VAL A 176 -8.07 -7.21 -18.28
C VAL A 176 -9.28 -8.12 -18.57
N ARG A 177 -10.25 -8.16 -17.65
CA ARG A 177 -11.50 -8.91 -17.87
C ARG A 177 -12.10 -8.61 -19.25
N GLU A 178 -12.18 -7.32 -19.59
CA GLU A 178 -12.80 -6.91 -20.85
C GLU A 178 -12.02 -7.34 -22.10
N HIS A 179 -10.77 -7.77 -21.91
CA HIS A 179 -9.87 -8.09 -23.02
C HIS A 179 -9.54 -9.58 -23.13
N LEU A 180 -10.09 -10.38 -22.23
CA LEU A 180 -9.92 -11.82 -22.27
C LEU A 180 -11.03 -12.45 -23.13
N GLU A 181 -10.62 -13.33 -24.04
CA GLU A 181 -11.55 -14.19 -24.74
C GLU A 181 -12.11 -15.21 -23.76
N PRO A 182 -13.29 -15.81 -24.05
CA PRO A 182 -13.78 -16.92 -23.23
C PRO A 182 -12.69 -17.98 -22.99
N GLY A 183 -12.47 -18.33 -21.73
CA GLY A 183 -11.43 -19.30 -21.36
C GLY A 183 -10.02 -18.72 -21.32
N GLY A 184 -9.88 -17.43 -21.63
CA GLY A 184 -8.56 -16.79 -21.64
C GLY A 184 -7.97 -16.67 -20.24
N LYS A 185 -6.65 -16.61 -20.16
CA LYS A 185 -5.99 -16.48 -18.86
C LYS A 185 -5.17 -15.20 -18.65
N PHE A 186 -5.21 -14.73 -17.40
CA PHE A 186 -4.46 -13.57 -16.95
C PHE A 186 -3.30 -14.08 -16.10
N LEU A 187 -2.08 -13.84 -16.56
CA LEU A 187 -0.89 -14.31 -15.84
C LEU A 187 -0.14 -13.14 -15.26
N LEU A 188 0.23 -13.27 -13.98
CA LEU A 188 0.99 -12.22 -13.31
C LEU A 188 2.22 -12.81 -12.62
N SER A 189 3.35 -12.12 -12.69
CA SER A 189 4.45 -12.39 -11.79
C SER A 189 4.41 -11.36 -10.67
N LEU A 190 4.78 -11.79 -9.46
CA LEU A 190 4.75 -10.92 -8.28
C LEU A 190 5.93 -11.24 -7.40
N ALA A 191 6.76 -10.23 -7.13
CA ALA A 191 7.88 -10.37 -6.20
C ALA A 191 7.37 -10.71 -4.79
N SER A 193 8.57 -11.04 -0.86
CA SER A 193 9.53 -10.72 0.19
C SER A 193 9.64 -11.85 1.20
N GLU A 194 10.65 -11.78 2.07
CA GLU A 194 10.78 -12.74 3.16
C GLU A 194 9.53 -12.74 4.05
N ALA A 195 9.03 -11.56 4.40
CA ALA A 195 7.82 -11.44 5.22
C ALA A 195 6.58 -11.99 4.53
N ALA A 196 6.49 -11.80 3.21
CA ALA A 196 5.40 -12.33 2.42
C ALA A 196 5.47 -13.84 2.28
N GLU A 197 6.70 -14.37 2.24
CA GLU A 197 6.91 -15.80 2.08
C GLU A 197 6.63 -16.59 3.37
N SER A 198 6.98 -15.99 4.51
CA SER A 198 6.84 -16.65 5.82
C SER A 198 5.38 -16.87 6.24
N GLU A 199 5.13 -17.97 6.93
CA GLU A 199 3.84 -18.21 7.58
C GLU A 199 3.67 -17.23 8.74
N PRO A 200 2.56 -16.46 8.74
CA PRO A 200 2.29 -15.51 9.82
C PRO A 200 2.21 -16.17 11.19
N LEU A 201 2.75 -15.49 12.20
CA LEU A 201 2.77 -15.99 13.57
C LEU A 201 1.40 -15.87 14.23
N GLU A 202 0.79 -17.02 14.52
CA GLU A 202 -0.53 -17.05 15.14
C GLU A 202 -0.43 -16.93 16.66
N ARG A 203 -1.14 -15.95 17.22
CA ARG A 203 -1.20 -15.77 18.67
C ARG A 203 -2.60 -16.03 19.19
N LEU A 217 -10.47 -18.14 20.07
CA LEU A 217 -10.11 -17.05 19.17
C LEU A 217 -8.67 -17.17 18.65
N HIS A 218 -8.51 -17.01 17.34
CA HIS A 218 -7.20 -17.07 16.70
C HIS A 218 -6.89 -15.75 16.01
N VAL A 219 -5.65 -15.28 16.13
CA VAL A 219 -5.23 -14.02 15.51
C VAL A 219 -4.01 -14.21 14.61
N ARG A 220 -4.11 -13.70 13.38
CA ARG A 220 -2.99 -13.65 12.45
C ARG A 220 -2.83 -12.23 11.92
N HIS A 221 -1.59 -11.88 11.60
CA HIS A 221 -1.30 -10.64 10.89
C HIS A 221 -0.73 -11.02 9.54
N LEU A 222 -1.49 -10.71 8.48
CA LEU A 222 -1.10 -11.10 7.13
C LEU A 222 -0.38 -9.96 6.45
N PRO A 223 0.70 -10.26 5.69
CA PRO A 223 1.36 -9.20 4.94
C PRO A 223 0.43 -8.71 3.83
N ALA A 224 0.42 -7.41 3.58
CA ALA A 224 -0.36 -6.88 2.48
C ALA A 224 0.50 -6.00 1.56
N GLU A 225 1.16 -5.02 2.17
CA GLU A 225 2.04 -4.13 1.39
C GLU A 225 3.24 -3.72 2.22
N GLU A 226 4.41 -3.72 1.56
CA GLU A 226 5.64 -3.21 2.13
C GLU A 226 6.19 -2.14 1.22
N ILE A 227 7.25 -1.49 1.68
CA ILE A 227 8.03 -0.61 0.84
C ILE A 227 9.41 -1.25 0.69
N GLN A 228 9.84 -1.44 -0.55
CA GLN A 228 11.19 -1.91 -0.83
C GLN A 228 12.10 -0.69 -0.90
N GLU A 229 13.09 -0.68 -0.02
CA GLU A 229 14.06 0.41 0.05
C GLU A 229 15.44 -0.12 -0.31
N ILE A 230 16.06 0.51 -1.30
CA ILE A 230 17.44 0.16 -1.68
C ILE A 230 18.38 1.34 -1.49
N THR A 231 19.61 1.02 -1.08
CA THR A 231 20.71 1.98 -1.01
C THR A 231 21.89 1.33 -1.73
N ILE A 232 22.32 1.96 -2.82
CA ILE A 232 23.45 1.45 -3.61
C ILE A 232 24.61 2.46 -3.60
N HIS A 233 25.81 1.96 -3.39
CA HIS A 233 27.02 2.76 -3.40
C HIS A 233 28.19 1.91 -3.88
N PRO A 234 29.25 2.54 -4.41
CA PRO A 234 30.44 1.77 -4.80
C PRO A 234 31.15 1.15 -3.60
N ALA A 235 31.71 -0.04 -3.80
CA ALA A 235 32.37 -0.80 -2.72
C ALA A 235 33.68 -0.16 -2.26
N ASP A 236 34.29 0.65 -3.12
CA ASP A 236 35.59 1.26 -2.83
C ASP A 236 35.55 2.21 -1.62
N GLU A 237 34.89 3.37 -1.80
CA GLU A 237 34.72 4.38 -0.74
C GLU A 237 35.92 5.33 -0.60
N ASP A 240 35.28 9.11 -5.38
CA ASP A 240 35.26 10.52 -5.75
C ASP A 240 34.99 10.71 -7.25
N PRO A 241 33.76 11.15 -7.60
CA PRO A 241 32.64 11.36 -6.66
C PRO A 241 32.07 10.05 -6.11
N PHE A 242 31.62 10.08 -4.87
CA PHE A 242 30.99 8.93 -4.24
C PHE A 242 29.47 9.09 -4.28
N VAL A 243 28.84 8.45 -5.27
CA VAL A 243 27.40 8.58 -5.45
C VAL A 243 26.62 7.48 -4.73
N VAL A 244 25.73 7.90 -3.84
CA VAL A 244 24.87 6.98 -3.11
C VAL A 244 23.46 7.07 -3.71
N CYS A 245 23.00 5.97 -4.28
CA CYS A 245 21.71 5.92 -4.95
C CYS A 245 20.67 5.25 -4.06
N THR A 246 19.54 5.94 -3.84
CA THR A 246 18.46 5.39 -3.02
C THR A 246 17.14 5.36 -3.79
N HIS A 247 16.22 4.50 -3.36
CA HIS A 247 14.88 4.47 -3.93
C HIS A 247 13.91 3.73 -3.02
N ARG A 248 12.65 4.17 -3.04
CA ARG A 248 11.57 3.50 -2.33
C ARG A 248 10.46 3.16 -3.31
N ARG A 249 10.00 1.90 -3.26
CA ARG A 249 8.91 1.49 -4.13
C ARG A 249 7.96 0.52 -3.43
N ARG A 250 6.74 0.49 -3.94
CA ARG A 250 5.70 -0.39 -3.43
C ARG A 250 6.10 -1.84 -3.63
N LEU A 251 5.88 -2.66 -2.61
CA LEU A 251 6.02 -4.11 -2.76
C LEU A 251 4.81 -4.80 -2.15
N LEU A 252 3.92 -5.28 -3.00
CA LEU A 252 2.74 -5.97 -2.55
C LEU A 252 3.06 -7.44 -2.27
N ALA A 253 2.46 -7.98 -1.23
CA ALA A 253 2.50 -9.41 -0.97
C ALA A 253 1.70 -10.11 -2.08
N PRO A 254 2.24 -11.20 -2.67
CA PRO A 254 1.48 -11.95 -3.68
C PRO A 254 0.07 -12.33 -3.22
N ASP A 255 -0.09 -12.71 -1.95
CA ASP A 255 -1.41 -13.10 -1.42
C ASP A 255 -2.39 -11.93 -1.38
N GLN A 256 -1.89 -10.71 -1.22
CA GLN A 256 -2.72 -9.50 -1.28
C GLN A 256 -3.28 -9.26 -2.69
N VAL A 257 -2.43 -9.39 -3.71
CA VAL A 257 -2.89 -9.28 -5.11
C VAL A 257 -3.89 -10.39 -5.43
N VAL A 258 -3.62 -11.60 -4.95
CA VAL A 258 -4.60 -12.70 -5.09
C VAL A 258 -5.98 -12.32 -4.49
N ARG A 259 -5.99 -11.79 -3.26
CA ARG A 259 -7.25 -11.36 -2.61
C ARG A 259 -7.98 -10.30 -3.46
N GLU A 260 -7.21 -9.38 -4.04
CA GLU A 260 -7.77 -8.33 -4.89
C GLU A 260 -8.34 -8.89 -6.19
N LEU A 261 -7.61 -9.82 -6.80
CA LEU A 261 -8.09 -10.49 -8.01
C LEU A 261 -9.44 -11.18 -7.78
N VAL A 262 -9.54 -11.92 -6.69
CA VAL A 262 -10.79 -12.57 -6.31
C VAL A 262 -11.92 -11.54 -6.11
N ARG A 263 -11.63 -10.50 -5.32
CA ARG A 263 -12.61 -9.43 -5.11
C ARG A 263 -13.12 -8.84 -6.43
N SER A 264 -12.24 -8.74 -7.43
CA SER A 264 -12.57 -8.15 -8.72
C SER A 264 -13.34 -9.09 -9.65
N GLY A 265 -13.49 -10.36 -9.25
CA GLY A 265 -14.30 -11.33 -9.99
C GLY A 265 -13.54 -12.46 -10.66
N PHE A 266 -12.21 -12.48 -10.51
CA PHE A 266 -11.39 -13.56 -11.07
C PHE A 266 -11.40 -14.76 -10.13
N ASP A 267 -11.20 -15.94 -10.70
CA ASP A 267 -10.81 -17.13 -9.96
C ASP A 267 -9.31 -17.31 -10.09
N VAL A 268 -8.60 -17.29 -8.97
CA VAL A 268 -7.15 -17.55 -8.98
C VAL A 268 -6.94 -19.06 -8.89
N ILE A 269 -6.45 -19.64 -9.98
CA ILE A 269 -6.44 -21.11 -10.12
C ILE A 269 -5.09 -21.77 -9.85
N ALA A 270 -4.04 -20.96 -9.78
CA ALA A 270 -2.70 -21.46 -9.41
C ALA A 270 -1.77 -20.31 -9.02
N GLN A 271 -0.91 -20.57 -8.04
CA GLN A 271 0.15 -19.65 -7.62
C GLN A 271 1.41 -20.48 -7.48
N THR A 272 2.42 -20.20 -8.29
CA THR A 272 3.64 -20.98 -8.31
C THR A 272 4.86 -20.12 -7.98
N PRO A 273 5.45 -20.32 -6.78
CA PRO A 273 6.69 -19.63 -6.44
C PRO A 273 7.86 -20.09 -7.32
N PHE A 274 8.75 -19.16 -7.64
CA PHE A 274 9.93 -19.45 -8.46
C PHE A 274 11.03 -18.42 -8.21
N ALA A 275 12.25 -18.76 -8.61
CA ALA A 275 13.39 -17.86 -8.46
C ALA A 275 13.56 -17.02 -9.72
N SER A 276 13.63 -15.71 -9.55
CA SER A 276 13.77 -14.79 -10.68
C SER A 276 15.14 -14.88 -11.36
N GLY A 277 16.16 -15.32 -10.62
CA GLY A 277 17.50 -15.52 -11.19
C GLY A 277 17.75 -16.92 -11.69
N GLY A 278 16.68 -17.71 -11.82
CA GLY A 278 16.77 -19.11 -12.24
C GLY A 278 17.44 -20.02 -11.22
N ALA A 279 17.83 -19.43 -10.10
CA ALA A 279 18.59 -20.10 -9.05
C ALA A 279 18.49 -19.31 -7.75
N GLY A 280 18.68 -20.00 -6.63
CA GLY A 280 18.62 -19.37 -5.31
C GLY A 280 17.23 -19.43 -4.71
N ARG A 281 16.95 -18.53 -3.77
CA ARG A 281 15.64 -18.46 -3.12
C ARG A 281 14.56 -18.12 -4.12
N LYS A 282 13.43 -18.82 -4.03
CA LYS A 282 12.24 -18.47 -4.78
C LYS A 282 11.75 -17.11 -4.26
N ASP A 283 11.83 -16.10 -5.12
CA ASP A 283 11.55 -14.72 -4.73
C ASP A 283 10.42 -14.08 -5.55
N VAL A 285 6.28 -15.12 -7.48
CA VAL A 285 5.13 -16.02 -7.63
C VAL A 285 4.48 -15.79 -9.01
N LEU A 286 4.25 -16.88 -9.73
CA LEU A 286 3.48 -16.83 -10.98
C LEU A 286 2.03 -17.20 -10.68
N VAL A 287 1.16 -16.21 -10.85
CA VAL A 287 -0.27 -16.33 -10.54
C VAL A 287 -1.06 -16.50 -11.82
N GLU A 288 -1.95 -17.50 -11.85
CA GLU A 288 -2.85 -17.71 -12.99
C GLU A 288 -4.28 -17.41 -12.57
N ALA A 289 -4.96 -16.56 -13.35
CA ALA A 289 -6.33 -16.19 -13.03
C ALA A 289 -7.23 -16.26 -14.25
N VAL A 290 -8.47 -16.68 -14.03
CA VAL A 290 -9.47 -16.78 -15.09
C VAL A 290 -10.82 -16.24 -14.61
N PRO A 292 -14.80 -16.79 -13.96
CA PRO A 292 -15.66 -17.94 -13.71
C PRO A 292 -16.69 -18.20 -14.80
N THR B 31 -10.86 -18.86 5.55
CA THR B 31 -9.54 -18.90 6.24
C THR B 31 -9.03 -20.35 6.36
N PRO B 32 -7.69 -20.54 6.39
CA PRO B 32 -7.10 -21.88 6.50
C PRO B 32 -7.49 -22.64 7.77
N HIS B 33 -7.81 -21.92 8.84
CA HIS B 33 -8.23 -22.54 10.10
C HIS B 33 -9.69 -22.99 10.08
N ALA B 34 -10.55 -22.16 9.49
CA ALA B 34 -11.99 -22.46 9.42
C ALA B 34 -12.31 -23.70 8.58
N ASP B 35 -11.51 -23.93 7.55
CA ASP B 35 -11.64 -25.12 6.70
C ASP B 35 -11.18 -26.38 7.43
N VAL B 36 -10.25 -26.20 8.37
CA VAL B 36 -9.77 -27.31 9.21
C VAL B 36 -10.73 -27.60 10.35
N LEU B 37 -11.45 -26.56 10.80
CA LEU B 37 -12.43 -26.70 11.88
C LEU B 37 -13.82 -27.00 11.34
N ASP B 67 -12.33 -0.30 26.82
CA ASP B 67 -12.32 0.96 27.56
C ASP B 67 -11.37 1.94 26.90
N GLY B 68 -11.83 3.18 26.74
CA GLY B 68 -11.06 4.18 26.02
C GLY B 68 -10.29 5.17 26.88
N THR B 69 -10.39 5.02 28.20
CA THR B 69 -9.81 6.00 29.14
C THR B 69 -8.31 6.28 28.94
N SER B 70 -7.50 5.22 28.88
CA SER B 70 -6.06 5.36 28.71
C SER B 70 -5.67 5.99 27.37
N GLU B 71 -6.38 5.60 26.31
CA GLU B 71 -6.13 6.16 25.00
C GLU B 71 -6.48 7.65 25.00
N ALA B 72 -7.60 7.99 25.64
CA ALA B 72 -8.05 9.38 25.73
C ALA B 72 -7.06 10.24 26.53
N ARG B 73 -6.51 9.66 27.60
CA ARG B 73 -5.53 10.36 28.42
C ARG B 73 -4.28 10.65 27.61
N GLU B 74 -3.94 9.75 26.69
CA GLU B 74 -2.78 9.94 25.84
C GLU B 74 -2.96 11.12 24.89
N PHE B 75 -4.16 11.24 24.32
CA PHE B 75 -4.53 12.40 23.52
C PHE B 75 -4.37 13.69 24.31
N ALA B 76 -4.84 13.66 25.56
CA ALA B 76 -4.78 14.83 26.46
C ALA B 76 -3.35 15.21 26.83
N THR B 77 -2.47 14.20 26.96
CA THR B 77 -1.06 14.43 27.22
C THR B 77 -0.43 15.25 26.10
N ARG B 78 -0.76 14.89 24.87
CA ARG B 78 -0.16 15.55 23.70
C ARG B 78 -0.98 16.76 23.25
N THR B 79 -1.95 17.13 24.09
CA THR B 79 -2.78 18.31 23.88
C THR B 79 -2.34 19.47 24.78
N GLY B 80 -2.28 19.21 26.08
CA GLY B 80 -2.07 20.26 27.07
C GLY B 80 -3.32 21.12 27.22
N VAL B 82 -5.89 22.93 25.71
CA VAL B 82 -7.17 23.02 25.02
C VAL B 82 -8.01 24.21 25.45
N SER B 83 -7.95 25.26 24.64
CA SER B 83 -8.95 26.31 24.68
C SER B 83 -9.88 26.04 23.50
N GLY B 84 -11.19 26.06 23.76
CA GLY B 84 -12.17 25.84 22.72
C GLY B 84 -12.46 24.39 22.40
N PRO B 85 -13.45 24.16 21.51
CA PRO B 85 -13.96 22.83 21.22
C PRO B 85 -12.97 21.93 20.50
N VAL B 86 -13.15 20.63 20.67
CA VAL B 86 -12.35 19.64 19.98
C VAL B 86 -13.28 18.90 19.03
N LEU B 87 -12.82 18.69 17.80
CA LEU B 87 -13.56 17.89 16.83
C LEU B 87 -13.04 16.46 16.85
N GLU B 88 -13.91 15.52 17.23
CA GLU B 88 -13.58 14.10 17.17
C GLU B 88 -14.25 13.46 15.97
N LEU B 89 -13.44 12.86 15.11
CA LEU B 89 -13.91 12.24 13.87
C LEU B 89 -14.28 10.78 14.09
N ALA B 90 -15.43 10.38 13.53
CA ALA B 90 -15.97 9.02 13.65
C ALA B 90 -16.00 8.57 15.11
N ALA B 91 -16.77 9.31 15.91
CA ALA B 91 -16.77 9.14 17.36
C ALA B 91 -17.52 7.90 17.84
N GLY B 92 -18.24 7.23 16.94
CA GLY B 92 -18.93 5.99 17.30
C GLY B 92 -20.01 6.28 18.32
N GLY B 94 -19.12 7.00 21.49
CA GLY B 94 -18.44 7.80 22.49
C GLY B 94 -17.43 7.06 23.34
N ARG B 95 -16.89 5.97 22.80
CA ARG B 95 -15.86 5.19 23.50
C ARG B 95 -14.69 6.06 23.97
N LEU B 96 -14.29 7.02 23.14
CA LEU B 96 -13.33 8.05 23.54
C LEU B 96 -13.99 9.36 23.98
N THR B 97 -15.16 9.70 23.41
CA THR B 97 -15.83 10.97 23.71
C THR B 97 -16.14 11.14 25.20
N PHE B 98 -16.66 10.09 25.82
CA PHE B 98 -16.99 10.16 27.24
C PHE B 98 -15.77 10.42 28.13
N PRO B 99 -14.69 9.62 27.95
CA PRO B 99 -13.40 9.99 28.56
C PRO B 99 -12.95 11.43 28.30
N PHE B 100 -13.10 11.90 27.06
CA PHE B 100 -12.74 13.29 26.70
C PHE B 100 -13.56 14.30 27.49
N LEU B 101 -14.86 14.03 27.60
CA LEU B 101 -15.78 14.88 28.35
C LEU B 101 -15.44 14.93 29.84
N ASP B 102 -14.94 13.81 30.37
CA ASP B 102 -14.50 13.75 31.76
C ASP B 102 -13.20 14.52 32.02
N LEU B 103 -12.53 14.93 30.94
CA LEU B 103 -11.36 15.81 31.04
C LEU B 103 -11.77 17.28 30.93
N GLY B 104 -13.07 17.52 30.91
CA GLY B 104 -13.62 18.88 30.84
C GLY B 104 -13.68 19.46 29.43
N TRP B 105 -13.28 18.66 28.45
CA TRP B 105 -13.29 19.08 27.04
C TRP B 105 -14.70 19.36 26.54
N GLU B 106 -14.79 20.33 25.63
CA GLU B 106 -15.99 20.56 24.85
C GLU B 106 -15.78 19.87 23.51
N VAL B 107 -16.60 18.85 23.23
CA VAL B 107 -16.37 17.99 22.07
C VAL B 107 -17.52 18.05 21.06
N THR B 108 -17.15 18.33 19.81
CA THR B 108 -18.05 18.08 18.68
C THR B 108 -17.70 16.69 18.15
N ALA B 109 -18.66 15.77 18.28
CA ALA B 109 -18.47 14.37 17.89
C ALA B 109 -19.18 14.12 16.56
N LEU B 110 -18.39 13.75 15.56
CA LEU B 110 -18.88 13.47 14.23
C LEU B 110 -18.99 11.95 14.03
N GLU B 111 -20.16 11.47 13.63
CA GLU B 111 -20.42 10.04 13.41
C GLU B 111 -21.36 9.85 12.20
N LEU B 112 -21.06 8.89 11.33
CA LEU B 112 -21.82 8.67 10.09
C LEU B 112 -23.17 7.96 10.28
N SER B 113 -23.19 6.93 11.12
CA SER B 113 -24.34 6.04 11.22
C SER B 113 -25.50 6.57 12.07
N THR B 114 -26.69 6.56 11.49
CA THR B 114 -27.92 6.86 12.22
C THR B 114 -28.10 5.95 13.44
N SER B 115 -27.87 4.65 13.25
CA SER B 115 -28.05 3.66 14.31
C SER B 115 -27.07 3.86 15.48
N VAL B 116 -25.80 4.13 15.14
CA VAL B 116 -24.76 4.36 16.16
C VAL B 116 -25.02 5.66 16.91
N LEU B 117 -25.40 6.71 16.18
CA LEU B 117 -25.79 7.98 16.78
C LEU B 117 -26.95 7.84 17.78
N ALA B 118 -27.89 6.93 17.52
CA ALA B 118 -28.98 6.68 18.46
C ALA B 118 -28.46 6.14 19.80
N ALA B 119 -27.51 5.21 19.72
CA ALA B 119 -26.84 4.64 20.91
C ALA B 119 -26.06 5.70 21.67
N PHE B 120 -25.36 6.56 20.94
CA PHE B 120 -24.61 7.70 21.51
C PHE B 120 -25.58 8.64 22.25
N ARG B 121 -26.65 9.01 21.56
CA ARG B 121 -27.67 9.90 22.12
C ARG B 121 -28.28 9.32 23.40
N LYS B 122 -28.58 8.02 23.39
CA LYS B 122 -29.11 7.33 24.58
C LYS B 122 -28.13 7.39 25.76
N ARG B 123 -26.85 7.10 25.48
CA ARG B 123 -25.83 7.12 26.53
C ARG B 123 -25.64 8.53 27.10
N LEU B 124 -25.74 9.55 26.24
CA LEU B 124 -25.68 10.95 26.66
C LEU B 124 -26.86 11.37 27.56
N ALA B 125 -28.04 10.81 27.30
CA ALA B 125 -29.22 11.05 28.13
C ALA B 125 -29.04 10.47 29.54
N GLU B 126 -28.24 9.42 29.63
CA GLU B 126 -27.90 8.77 30.91
C GLU B 126 -26.79 9.49 31.66
N ALA B 127 -26.04 10.35 30.96
CA ALA B 127 -24.96 11.13 31.57
C ALA B 127 -25.52 12.35 32.33
N PRO B 128 -24.74 12.90 33.29
CA PRO B 128 -25.18 14.15 33.92
C PRO B 128 -25.26 15.31 32.92
N ALA B 129 -26.10 16.30 33.23
CA ALA B 129 -26.37 17.43 32.35
C ALA B 129 -25.11 18.19 31.96
N ASP B 130 -24.18 18.31 32.90
CA ASP B 130 -22.91 19.01 32.70
C ASP B 130 -22.05 18.35 31.63
N VAL B 131 -22.10 17.01 31.59
CA VAL B 131 -21.35 16.23 30.61
C VAL B 131 -22.05 16.33 29.24
N ARG B 132 -23.34 16.02 29.21
CA ARG B 132 -24.15 16.06 27.99
C ARG B 132 -24.10 17.41 27.29
N ASP B 133 -24.15 18.49 28.08
CA ASP B 133 -24.14 19.87 27.54
C ASP B 133 -22.84 20.26 26.84
N ARG B 134 -21.77 19.52 27.10
CA ARG B 134 -20.47 19.80 26.49
C ARG B 134 -20.21 18.96 25.24
N CYS B 135 -21.19 18.14 24.86
CA CYS B 135 -21.09 17.29 23.67
C CYS B 135 -22.06 17.75 22.60
N THR B 136 -21.54 17.98 21.41
CA THR B 136 -22.37 18.29 20.25
C THR B 136 -22.24 17.14 19.25
N LEU B 137 -23.35 16.44 18.99
CA LEU B 137 -23.36 15.37 18.01
C LEU B 137 -23.69 15.92 16.64
N VAL B 138 -22.90 15.52 15.65
CA VAL B 138 -23.13 15.90 14.26
C VAL B 138 -23.03 14.63 13.40
N GLN B 139 -24.02 14.41 12.54
CA GLN B 139 -23.99 13.28 11.60
C GLN B 139 -23.14 13.65 10.40
N GLY B 140 -22.17 12.79 10.06
CA GLY B 140 -21.27 13.07 8.94
C GLY B 140 -20.17 12.06 8.74
N ASP B 141 -19.45 12.20 7.63
CA ASP B 141 -18.47 11.24 7.13
C ASP B 141 -17.06 11.75 7.35
N SER B 143 -14.28 10.89 6.08
CA SER B 143 -13.49 11.00 4.85
C SER B 143 -13.96 12.13 3.91
N ALA B 144 -15.09 12.75 4.25
CA ALA B 144 -15.67 13.85 3.47
C ALA B 144 -16.72 14.57 4.30
N PHE B 145 -16.31 15.62 4.99
CA PHE B 145 -17.20 16.38 5.87
C PHE B 145 -17.01 17.89 5.74
N ALA B 146 -18.07 18.63 6.02
CA ALA B 146 -18.03 20.09 6.05
C ALA B 146 -18.96 20.63 7.14
N LEU B 147 -18.37 21.31 8.12
CA LEU B 147 -19.10 21.84 9.27
C LEU B 147 -19.08 23.36 9.27
N ASP B 148 -18.34 23.94 8.32
CA ASP B 148 -18.16 25.41 8.18
C ASP B 148 -17.42 26.07 9.35
N LYS B 149 -17.18 25.30 10.41
CA LYS B 149 -16.47 25.79 11.59
C LYS B 149 -15.06 25.21 11.58
N ARG B 150 -14.11 26.00 12.05
CA ARG B 150 -12.75 25.52 12.26
C ARG B 150 -12.53 25.23 13.75
N PHE B 151 -11.53 24.42 14.05
CA PHE B 151 -11.28 23.92 15.40
C PHE B 151 -9.81 24.03 15.76
N GLY B 152 -9.54 24.20 17.06
CA GLY B 152 -8.18 24.23 17.58
C GLY B 152 -7.53 22.86 17.62
N THR B 153 -8.35 21.83 17.82
CA THR B 153 -7.89 20.45 17.92
C THR B 153 -8.83 19.53 17.13
N VAL B 154 -8.24 18.65 16.31
CA VAL B 154 -8.99 17.60 15.59
C VAL B 154 -8.40 16.23 15.94
N VAL B 155 -9.28 15.30 16.32
CA VAL B 155 -8.91 13.98 16.85
C VAL B 155 -9.52 12.82 16.05
N ILE B 156 -8.72 11.78 15.80
CA ILE B 156 -9.21 10.52 15.23
C ILE B 156 -8.49 9.29 15.84
N SER B 157 -9.25 8.24 16.10
CA SER B 157 -8.75 7.03 16.73
C SER B 157 -8.33 5.97 15.71
N SER B 158 -7.42 5.09 16.13
CA SER B 158 -6.86 4.04 15.27
C SER B 158 -7.90 3.22 14.51
N GLY B 159 -8.90 2.74 15.23
CA GLY B 159 -9.95 1.90 14.62
C GLY B 159 -10.65 2.62 13.49
N SER B 160 -10.83 3.93 13.65
CA SER B 160 -11.51 4.75 12.66
C SER B 160 -10.71 5.00 11.39
N ILE B 161 -9.45 5.40 11.52
CA ILE B 161 -8.64 5.66 10.32
C ILE B 161 -8.38 4.36 9.55
N ASN B 162 -8.19 3.26 10.27
CA ASN B 162 -7.99 1.96 9.65
C ASN B 162 -9.21 1.42 8.87
N GLU B 163 -10.37 2.07 9.02
CA GLU B 163 -11.57 1.72 8.23
CA GLU B 163 -11.56 1.71 8.24
C GLU B 163 -11.51 2.32 6.83
N LEU B 164 -10.62 3.29 6.63
CA LEU B 164 -10.52 4.00 5.36
C LEU B 164 -9.45 3.42 4.44
N ASP B 165 -9.78 3.31 3.16
CA ASP B 165 -8.79 2.97 2.14
C ASP B 165 -7.90 4.17 1.78
N GLU B 166 -6.98 3.94 0.86
CA GLU B 166 -5.99 4.94 0.44
C GLU B 166 -6.61 6.28 0.04
N ALA B 167 -7.57 6.22 -0.89
CA ALA B 167 -8.26 7.41 -1.41
C ALA B 167 -9.06 8.13 -0.34
N ASP B 168 -9.78 7.37 0.49
CA ASP B 168 -10.59 7.96 1.57
C ASP B 168 -9.75 8.60 2.66
N ARG B 169 -8.54 8.07 2.90
CA ARG B 169 -7.62 8.72 3.85
C ARG B 169 -7.16 10.09 3.36
N ARG B 170 -6.91 10.21 2.05
CA ARG B 170 -6.62 11.51 1.45
C ARG B 170 -7.78 12.48 1.61
N GLY B 171 -9.01 11.99 1.44
CA GLY B 171 -10.21 12.77 1.71
C GLY B 171 -10.24 13.26 3.15
N LEU B 172 -9.96 12.36 4.09
CA LEU B 172 -9.82 12.69 5.51
C LEU B 172 -8.81 13.80 5.78
N TYR B 173 -7.59 13.66 5.25
CA TYR B 173 -6.51 14.62 5.50
C TYR B 173 -6.90 16.02 4.98
N ALA B 174 -7.47 16.05 3.78
CA ALA B 174 -7.92 17.28 3.15
C ALA B 174 -9.08 17.93 3.89
N SER B 175 -10.03 17.12 4.34
CA SER B 175 -11.14 17.60 5.16
C SER B 175 -10.66 18.24 6.47
N VAL B 176 -9.73 17.57 7.16
CA VAL B 176 -9.12 18.08 8.40
C VAL B 176 -8.44 19.42 8.19
N ARG B 177 -7.70 19.52 7.08
CA ARG B 177 -7.03 20.75 6.64
C ARG B 177 -7.98 21.95 6.64
N GLU B 178 -9.21 21.72 6.20
CA GLU B 178 -10.22 22.78 6.08
C GLU B 178 -10.93 23.11 7.38
N HIS B 179 -10.72 22.26 8.40
CA HIS B 179 -11.38 22.41 9.69
C HIS B 179 -10.42 22.73 10.82
N LEU B 180 -9.15 22.96 10.47
CA LEU B 180 -8.14 23.38 11.44
C LEU B 180 -7.95 24.88 11.41
N GLU B 181 -8.02 25.51 12.58
CA GLU B 181 -7.69 26.92 12.71
C GLU B 181 -6.16 27.07 12.57
N PRO B 182 -5.66 28.31 12.29
CA PRO B 182 -4.22 28.50 12.20
C PRO B 182 -3.49 27.99 13.44
N GLY B 183 -2.46 27.18 13.24
CA GLY B 183 -1.70 26.58 14.34
C GLY B 183 -2.44 25.47 15.08
N GLY B 184 -3.57 25.03 14.52
CA GLY B 184 -4.37 23.94 15.10
C GLY B 184 -3.65 22.60 15.05
N LYS B 185 -4.11 21.66 15.88
CA LYS B 185 -3.46 20.37 16.00
C LYS B 185 -4.34 19.21 15.51
N PHE B 186 -3.78 18.35 14.67
CA PHE B 186 -4.44 17.12 14.22
C PHE B 186 -3.77 15.93 14.91
N LEU B 187 -4.54 15.26 15.75
CA LEU B 187 -4.01 14.17 16.57
C LEU B 187 -4.60 12.84 16.15
N LEU B 188 -3.73 11.84 16.02
CA LEU B 188 -4.15 10.50 15.60
C LEU B 188 -3.55 9.44 16.53
N SER B 189 -4.35 8.42 16.85
CA SER B 189 -3.80 7.22 17.47
C SER B 189 -3.74 6.14 16.40
N LEU B 190 -2.68 5.33 16.43
CA LEU B 190 -2.44 4.33 15.41
C LEU B 190 -1.88 3.04 16.01
N ALA B 191 -2.65 1.96 15.88
CA ALA B 191 -2.24 0.63 16.35
C ALA B 191 -0.91 0.23 15.72
N SER B 193 1.59 -2.92 15.22
CA SER B 193 1.84 -4.36 15.26
C SER B 193 3.31 -4.68 15.53
N GLU B 194 3.59 -5.95 15.77
CA GLU B 194 4.95 -6.43 15.96
C GLU B 194 5.83 -6.12 14.76
N ALA B 195 5.27 -6.32 13.56
CA ALA B 195 5.98 -6.02 12.31
C ALA B 195 6.25 -4.53 12.15
N ALA B 196 5.27 -3.69 12.53
CA ALA B 196 5.41 -2.24 12.41
C ALA B 196 6.45 -1.64 13.38
N GLU B 197 6.59 -2.24 14.55
CA GLU B 197 7.53 -1.70 15.55
C GLU B 197 8.98 -2.15 15.35
N SER B 198 9.16 -3.31 14.72
CA SER B 198 10.48 -3.92 14.57
C SER B 198 11.36 -3.21 13.56
N GLU B 199 12.67 -3.24 13.80
CA GLU B 199 13.63 -2.71 12.84
CA GLU B 199 13.64 -2.71 12.84
C GLU B 199 13.75 -3.66 11.66
N PRO B 200 13.56 -3.15 10.42
CA PRO B 200 13.65 -4.03 9.25
C PRO B 200 15.05 -4.65 9.10
N LEU B 201 15.09 -5.92 8.74
CA LEU B 201 16.36 -6.59 8.47
C LEU B 201 16.94 -6.10 7.15
N GLU B 202 18.13 -5.52 7.23
CA GLU B 202 18.85 -5.00 6.08
C GLU B 202 19.70 -6.11 5.47
N ARG B 203 19.58 -6.29 4.15
CA ARG B 203 20.32 -7.35 3.45
C ARG B 203 21.30 -6.78 2.40
N LYS B 204 22.55 -7.27 2.46
CA LYS B 204 23.65 -6.80 1.61
C LYS B 204 23.86 -7.69 0.40
N GLN B 205 24.21 -7.07 -0.73
CA GLN B 205 24.66 -7.79 -1.93
C GLN B 205 25.84 -7.06 -2.59
N GLU B 206 26.90 -7.81 -2.85
CA GLU B 206 28.05 -7.30 -3.59
C GLU B 206 27.85 -7.65 -5.07
N LEU B 207 27.88 -6.64 -5.93
CA LEU B 207 27.67 -6.84 -7.36
C LEU B 207 28.58 -5.98 -8.25
N PRO B 208 29.05 -6.54 -9.38
CA PRO B 208 29.92 -5.83 -10.31
C PRO B 208 29.16 -4.81 -11.16
N ARG B 213 33.42 -1.77 -12.12
CA ARG B 213 33.23 -1.17 -10.80
C ARG B 213 32.34 -2.04 -9.92
N ARG B 214 32.79 -2.25 -8.69
CA ARG B 214 32.02 -3.00 -7.70
C ARG B 214 31.10 -2.08 -6.89
N TYR B 215 29.88 -2.54 -6.66
CA TYR B 215 28.92 -1.82 -5.84
C TYR B 215 28.44 -2.67 -4.68
N VAL B 216 27.91 -2.01 -3.65
CA VAL B 216 27.21 -2.69 -2.58
C VAL B 216 25.76 -2.23 -2.60
N LEU B 217 24.85 -3.20 -2.67
CA LEU B 217 23.42 -2.96 -2.61
C LEU B 217 22.89 -3.35 -1.24
N HIS B 218 22.21 -2.41 -0.58
CA HIS B 218 21.53 -2.65 0.70
C HIS B 218 20.02 -2.62 0.46
N VAL B 219 19.32 -3.66 0.88
CA VAL B 219 17.87 -3.75 0.71
C VAL B 219 17.17 -3.88 2.06
N ARG B 220 16.15 -3.04 2.28
CA ARG B 220 15.28 -3.15 3.46
C ARG B 220 13.84 -3.17 2.99
N HIS B 221 12.99 -3.89 3.72
CA HIS B 221 11.56 -3.88 3.48
C HIS B 221 10.85 -3.25 4.66
N LEU B 222 10.28 -2.07 4.42
CA LEU B 222 9.59 -1.28 5.44
C LEU B 222 8.12 -1.70 5.51
N PRO B 223 7.57 -1.86 6.73
CA PRO B 223 6.14 -2.16 6.84
C PRO B 223 5.26 -1.01 6.35
N ALA B 224 4.13 -1.34 5.74
CA ALA B 224 3.21 -0.33 5.25
C ALA B 224 1.78 -0.68 5.64
N GLU B 225 1.34 -1.87 5.25
CA GLU B 225 0.00 -2.35 5.59
C GLU B 225 -0.03 -3.85 5.82
N GLU B 226 -0.83 -4.26 6.81
CA GLU B 226 -1.09 -5.65 7.09
C GLU B 226 -2.59 -5.87 7.15
N ILE B 227 -2.98 -7.14 7.21
CA ILE B 227 -4.36 -7.55 7.45
C ILE B 227 -4.38 -8.27 8.78
N GLN B 228 -5.22 -7.80 9.70
CA GLN B 228 -5.47 -8.53 10.93
C GLN B 228 -6.61 -9.51 10.67
N GLU B 229 -6.33 -10.79 10.83
CA GLU B 229 -7.27 -11.85 10.53
C GLU B 229 -7.65 -12.63 11.80
N ILE B 230 -8.97 -12.75 12.02
CA ILE B 230 -9.49 -13.42 13.21
C ILE B 230 -10.38 -14.62 12.85
N THR B 231 -10.38 -15.63 13.72
CA THR B 231 -11.22 -16.82 13.54
C THR B 231 -11.82 -17.24 14.87
N THR B 246 -15.15 -15.40 10.92
CA THR B 246 -14.25 -14.95 9.85
C THR B 246 -14.37 -13.44 9.60
N HIS B 247 -13.26 -12.72 9.82
CA HIS B 247 -13.15 -11.30 9.48
C HIS B 247 -11.71 -10.81 9.33
N ARG B 248 -11.47 -10.08 8.25
CA ARG B 248 -10.20 -9.40 8.01
C ARG B 248 -10.38 -7.91 8.31
N ARG B 249 -9.40 -7.29 8.95
CA ARG B 249 -9.36 -5.82 8.97
C ARG B 249 -7.99 -5.24 8.62
N ARG B 250 -8.02 -4.04 8.05
CA ARG B 250 -6.82 -3.28 7.72
C ARG B 250 -6.04 -2.92 8.98
N LEU B 251 -4.73 -3.12 8.91
CA LEU B 251 -3.82 -2.68 9.95
C LEU B 251 -2.65 -1.92 9.31
N LEU B 252 -2.72 -0.60 9.36
CA LEU B 252 -1.68 0.27 8.79
C LEU B 252 -0.55 0.45 9.78
N ALA B 253 0.68 0.48 9.26
CA ALA B 253 1.85 0.83 10.06
C ALA B 253 1.80 2.32 10.37
N PRO B 254 2.00 2.71 11.65
CA PRO B 254 2.05 4.14 11.97
C PRO B 254 2.96 4.93 11.02
N ASP B 255 4.15 4.39 10.71
CA ASP B 255 5.08 5.06 9.79
C ASP B 255 4.47 5.34 8.41
N GLN B 256 3.62 4.44 7.93
CA GLN B 256 2.88 4.61 6.67
C GLN B 256 1.91 5.80 6.71
N VAL B 257 1.10 5.87 7.76
CA VAL B 257 0.19 7.00 7.93
C VAL B 257 0.97 8.33 8.03
N VAL B 258 2.09 8.33 8.74
CA VAL B 258 2.95 9.51 8.85
C VAL B 258 3.44 9.98 7.48
N ARG B 259 3.88 9.04 6.64
CA ARG B 259 4.31 9.35 5.26
C ARG B 259 3.16 9.99 4.46
N GLU B 260 1.95 9.48 4.64
CA GLU B 260 0.74 10.01 4.00
C GLU B 260 0.41 11.42 4.49
N LEU B 261 0.56 11.66 5.79
CA LEU B 261 0.30 12.98 6.38
C LEU B 261 1.23 14.04 5.82
N VAL B 262 2.52 13.70 5.68
CA VAL B 262 3.52 14.59 5.08
C VAL B 262 3.15 14.86 3.62
N ARG B 263 2.82 13.79 2.89
CA ARG B 263 2.43 13.85 1.48
C ARG B 263 1.22 14.75 1.23
N SER B 264 0.34 14.86 2.23
CA SER B 264 -0.87 15.69 2.13
C SER B 264 -0.65 17.14 2.60
N GLY B 265 0.57 17.46 3.03
CA GLY B 265 0.93 18.82 3.40
C GLY B 265 1.19 19.10 4.87
N PHE B 266 0.82 18.14 5.73
CA PHE B 266 1.02 18.28 7.17
C PHE B 266 2.48 18.18 7.60
N ASP B 267 2.79 18.80 8.73
CA ASP B 267 4.05 18.61 9.43
C ASP B 267 3.79 17.71 10.65
N VAL B 268 4.42 16.54 10.68
CA VAL B 268 4.31 15.63 11.81
C VAL B 268 5.43 15.95 12.79
N ILE B 269 5.07 16.54 13.93
CA ILE B 269 6.05 17.03 14.92
C ILE B 269 6.34 16.03 16.04
N ALA B 270 5.47 15.05 16.22
CA ALA B 270 5.62 14.05 17.27
C ALA B 270 4.94 12.74 16.93
N GLN B 271 5.64 11.66 17.27
CA GLN B 271 5.12 10.30 17.22
C GLN B 271 5.49 9.70 18.56
N THR B 272 4.49 9.40 19.37
CA THR B 272 4.73 8.86 20.71
C THR B 272 4.09 7.49 20.88
N PRO B 273 4.92 6.43 20.95
CA PRO B 273 4.38 5.10 21.28
C PRO B 273 3.86 5.03 22.72
N PHE B 274 2.78 4.29 22.90
CA PHE B 274 2.15 4.11 24.21
C PHE B 274 1.38 2.79 24.27
N ALA B 275 1.02 2.37 25.48
CA ALA B 275 0.22 1.18 25.68
C ALA B 275 -1.26 1.57 25.71
N SER B 276 -2.02 1.05 24.75
CA SER B 276 -3.44 1.39 24.60
C SER B 276 -4.29 1.12 25.86
N GLY B 277 -3.92 0.10 26.61
CA GLY B 277 -4.63 -0.25 27.85
C GLY B 277 -4.04 0.43 29.08
N GLY B 278 -2.94 1.15 28.89
CA GLY B 278 -2.36 1.97 29.95
C GLY B 278 -1.24 1.32 30.74
N ALA B 279 -0.91 0.08 30.39
CA ALA B 279 0.15 -0.67 31.05
C ALA B 279 0.69 -1.74 30.11
N GLY B 280 1.95 -2.12 30.33
CA GLY B 280 2.58 -3.18 29.57
C GLY B 280 3.26 -2.70 28.31
N ARG B 281 3.41 -3.60 27.34
CA ARG B 281 4.04 -3.30 26.08
C ARG B 281 3.33 -2.18 25.33
N LYS B 282 4.11 -1.31 24.71
CA LYS B 282 3.56 -0.27 23.87
C LYS B 282 3.10 -0.89 22.55
N ASP B 283 1.90 -0.52 22.10
CA ASP B 283 1.22 -1.20 21.00
C ASP B 283 0.47 -0.19 20.12
N VAL B 285 0.68 4.24 18.61
CA VAL B 285 1.44 5.49 18.46
C VAL B 285 0.47 6.69 18.45
N LEU B 286 0.78 7.71 19.23
CA LEU B 286 0.03 8.97 19.17
C LEU B 286 0.78 9.98 18.30
N VAL B 287 0.16 10.33 17.18
CA VAL B 287 0.76 11.21 16.17
C VAL B 287 0.20 12.62 16.27
N GLU B 288 1.10 13.59 16.34
CA GLU B 288 0.73 15.01 16.34
C GLU B 288 1.12 15.62 15.01
N ALA B 289 0.13 16.20 14.33
CA ALA B 289 0.34 16.82 13.03
C ALA B 289 -0.17 18.25 13.04
N VAL B 290 0.62 19.16 12.49
CA VAL B 290 0.24 20.57 12.41
C VAL B 290 0.41 21.08 10.99
N PRO B 292 1.68 23.84 8.39
CA PRO B 292 2.63 24.94 8.21
C PRO B 292 1.99 26.18 7.57
#